data_6QQU
#
_entry.id   6QQU
#
_cell.length_a   74.410
_cell.length_b   78.660
_cell.length_c   85.910
_cell.angle_alpha   90.000
_cell.angle_beta   90.000
_cell.angle_gamma   90.000
#
_symmetry.space_group_name_H-M   'P 21 21 21'
#
loop_
_entity.id
_entity.type
_entity.pdbx_description
1 polymer 'tRNA (guanine-N(1)-)-methyltransferase'
2 non-polymer 5-azanyl-3-(1~{H}-indol-6-yl)-1~{H}-pyrazole-4-carbonitrile
3 water water
#
_entity_poly.entity_id   1
_entity_poly.type   'polypeptide(L)'
_entity_poly.pdbx_seq_one_letter_code
;GSMKIDVVTIFPEYLQPVRQSLPGKAIDAGLVDVAVHDLRRWTHDVHKSVDDSPYGGGPGMVMKPTVWGDALDEICTSET
LLVVPTPAGYPFTQETAWQWSTEDHLVIACGRYEGIDQRVADDAATRMRVREVSIGDYVLNGGEAAALVIIEAVLRLVPG
VLGNALSAQEDSHSEGMASLLEGPSYTRPPSWRGMDVPPVLLSGDHAKIAAWRAEQSRQRTIERRPDLLGFDSPTGEHGG
DGLS
;
_entity_poly.pdbx_strand_id   A,B
#
loop_
_chem_comp.id
_chem_comp.type
_chem_comp.name
_chem_comp.formula
JF8 non-polymer 5-azanyl-3-(1~{H}-indol-6-yl)-1~{H}-pyrazole-4-carbonitrile 'C12 H9 N5'
#
# COMPACT_ATOMS: atom_id res chain seq x y z
N GLY A 1 11.49 -7.37 -19.27
CA GLY A 1 10.20 -7.94 -19.63
C GLY A 1 9.85 -9.17 -18.81
N SER A 2 10.85 -9.74 -18.14
CA SER A 2 10.65 -10.90 -17.28
C SER A 2 11.16 -10.61 -15.88
N MET A 3 10.48 -11.12 -14.86
CA MET A 3 10.89 -10.90 -13.49
C MET A 3 10.51 -12.04 -12.55
N LYS A 4 11.43 -12.39 -11.67
CA LYS A 4 11.15 -13.30 -10.56
C LYS A 4 11.03 -12.50 -9.28
N ILE A 5 9.97 -12.75 -8.51
CA ILE A 5 9.83 -12.11 -7.20
C ILE A 5 9.70 -13.20 -6.16
N ASP A 6 10.57 -13.17 -5.15
CA ASP A 6 10.47 -14.07 -4.00
C ASP A 6 10.05 -13.26 -2.80
N VAL A 7 9.03 -13.70 -2.08
CA VAL A 7 8.62 -13.01 -0.86
C VAL A 7 8.85 -13.92 0.34
N VAL A 8 9.50 -13.39 1.38
CA VAL A 8 9.74 -14.15 2.61
C VAL A 8 8.95 -13.54 3.76
N THR A 9 8.19 -14.38 4.47
CA THR A 9 7.24 -13.91 5.45
C THR A 9 6.90 -15.01 6.43
N ILE A 10 6.50 -14.66 7.65
CA ILE A 10 5.95 -15.69 8.54
C ILE A 10 4.45 -15.91 8.30
N PHE A 11 3.87 -15.14 7.38
CA PHE A 11 2.48 -15.32 7.00
C PHE A 11 2.34 -15.50 5.48
N PRO A 12 2.82 -16.63 4.95
CA PRO A 12 2.75 -16.85 3.49
C PRO A 12 1.34 -16.75 2.92
N GLU A 13 0.32 -17.05 3.71
CA GLU A 13 -1.05 -16.99 3.22
C GLU A 13 -1.49 -15.57 2.86
N TYR A 14 -0.82 -14.58 3.46
CA TYR A 14 -1.18 -13.19 3.22
C TYR A 14 -0.91 -12.80 1.76
N LEU A 15 -0.01 -13.54 1.11
CA LEU A 15 0.39 -13.20 -0.25
C LEU A 15 -0.44 -13.95 -1.28
N GLN A 16 -1.53 -14.57 -0.82
CA GLN A 16 -2.49 -15.23 -1.70
C GLN A 16 -3.12 -14.35 -2.81
N PRO A 17 -3.43 -13.06 -2.52
CA PRO A 17 -4.04 -12.31 -3.64
C PRO A 17 -3.12 -12.09 -4.81
N VAL A 18 -1.81 -12.03 -4.56
CA VAL A 18 -0.85 -11.76 -5.63
C VAL A 18 -0.83 -12.92 -6.63
N ARG A 19 -0.78 -14.15 -6.13
CA ARG A 19 -0.82 -15.32 -7.00
C ARG A 19 -2.13 -15.36 -7.78
N GLN A 20 -3.20 -14.88 -7.15
CA GLN A 20 -4.50 -14.79 -7.80
C GLN A 20 -4.51 -13.70 -8.88
N SER A 21 -3.72 -12.65 -8.64
CA SER A 21 -3.66 -11.50 -9.56
C SER A 21 -2.96 -11.81 -10.88
N LEU A 22 -2.27 -12.96 -10.95
CA LEU A 22 -1.40 -13.26 -12.09
C LEU A 22 -2.09 -14.04 -13.21
N PRO A 23 -2.24 -13.40 -14.37
CA PRO A 23 -2.77 -14.05 -15.58
C PRO A 23 -1.91 -15.23 -16.04
N GLY A 24 -2.56 -16.31 -16.45
CA GLY A 24 -1.86 -17.50 -16.87
C GLY A 24 -0.96 -17.26 -18.07
N LYS A 25 -1.36 -16.31 -18.92
CA LYS A 25 -0.62 -15.98 -20.13
C LYS A 25 0.80 -15.48 -19.81
N ALA A 26 0.93 -14.61 -18.81
CA ALA A 26 2.23 -14.08 -18.43
C ALA A 26 3.11 -15.16 -17.79
N ILE A 27 2.50 -16.04 -17.02
CA ILE A 27 3.23 -17.13 -16.39
C ILE A 27 3.74 -18.10 -17.47
N ASP A 28 2.84 -18.55 -18.33
CA ASP A 28 3.18 -19.44 -19.43
C ASP A 28 4.28 -18.84 -20.31
N ALA A 29 4.22 -17.53 -20.51
CA ALA A 29 5.22 -16.84 -21.34
C ALA A 29 6.54 -16.67 -20.61
N GLY A 30 6.58 -17.03 -19.32
CA GLY A 30 7.78 -16.90 -18.52
C GLY A 30 8.11 -15.45 -18.22
N LEU A 31 7.09 -14.60 -18.25
CA LEU A 31 7.27 -13.18 -18.01
C LEU A 31 7.35 -12.88 -16.52
N VAL A 32 6.78 -13.76 -15.71
CA VAL A 32 6.67 -13.48 -14.28
C VAL A 32 6.53 -14.74 -13.45
N ASP A 33 7.15 -14.75 -12.29
CA ASP A 33 6.98 -15.83 -11.33
C ASP A 33 7.05 -15.21 -9.94
N VAL A 34 6.01 -15.41 -9.12
CA VAL A 34 6.01 -14.94 -7.74
C VAL A 34 5.98 -16.14 -6.81
N ALA A 35 7.02 -16.28 -5.99
CA ALA A 35 7.10 -17.37 -5.04
C ALA A 35 7.08 -16.82 -3.61
N VAL A 36 6.39 -17.51 -2.72
CA VAL A 36 6.28 -17.06 -1.34
C VAL A 36 6.86 -18.13 -0.41
N HIS A 37 7.69 -17.70 0.53
CA HIS A 37 8.41 -18.61 1.41
C HIS A 37 8.08 -18.34 2.86
N ASP A 38 7.81 -19.39 3.61
CA ASP A 38 7.65 -19.30 5.05
C ASP A 38 9.01 -19.14 5.72
N LEU A 39 9.24 -18.00 6.38
CA LEU A 39 10.50 -17.75 7.06
C LEU A 39 10.89 -18.84 8.03
N ARG A 40 9.90 -19.52 8.61
CA ARG A 40 10.19 -20.53 9.63
C ARG A 40 10.90 -21.75 9.05
N ARG A 41 10.94 -21.86 7.72
CA ARG A 41 11.74 -22.91 7.08
C ARG A 41 13.22 -22.82 7.49
N TRP A 42 13.68 -21.62 7.81
CA TRP A 42 15.09 -21.40 8.13
C TRP A 42 15.35 -21.24 9.63
N THR A 43 14.37 -21.59 10.47
CA THR A 43 14.63 -21.52 11.91
C THR A 43 15.54 -22.66 12.36
N HIS A 44 16.17 -22.49 13.52
CA HIS A 44 17.19 -23.44 13.98
C HIS A 44 16.76 -24.33 15.14
N ASP A 45 15.65 -23.99 15.77
CA ASP A 45 15.27 -24.62 17.02
C ASP A 45 13.92 -25.30 16.93
N VAL A 46 13.64 -26.17 17.90
CA VAL A 46 12.40 -26.94 17.86
C VAL A 46 11.18 -26.01 17.95
N HIS A 47 11.35 -24.84 18.56
CA HIS A 47 10.23 -23.90 18.69
C HIS A 47 10.04 -22.97 17.50
N LYS A 48 10.90 -23.14 16.48
CA LYS A 48 10.81 -22.36 15.25
C LYS A 48 10.79 -20.86 15.54
N SER A 49 11.74 -20.43 16.37
CA SER A 49 11.77 -19.05 16.86
C SER A 49 12.26 -18.08 15.79
N VAL A 50 11.51 -17.01 15.53
CA VAL A 50 11.93 -16.00 14.56
C VAL A 50 12.21 -14.65 15.21
N ASP A 51 11.92 -14.54 16.51
CA ASP A 51 12.05 -13.27 17.22
C ASP A 51 12.73 -13.39 18.57
N ASP A 52 13.20 -12.26 19.11
CA ASP A 52 13.95 -12.26 20.36
C ASP A 52 13.89 -10.84 20.93
N SER A 53 14.27 -10.67 22.19
CA SER A 53 14.13 -9.36 22.83
C SER A 53 15.13 -8.33 22.30
N PRO A 54 14.74 -7.04 22.26
CA PRO A 54 15.65 -6.04 21.70
C PRO A 54 16.78 -5.65 22.62
N TYR A 55 18.00 -5.55 22.08
CA TYR A 55 19.10 -4.99 22.84
C TYR A 55 18.79 -3.53 23.17
N GLY A 56 19.10 -3.14 24.40
CA GLY A 56 18.89 -1.77 24.84
C GLY A 56 17.49 -1.57 25.39
N GLY A 57 16.71 -2.64 25.41
CA GLY A 57 15.39 -2.61 25.99
C GLY A 57 14.34 -2.05 25.06
N GLY A 58 13.12 -1.98 25.56
CA GLY A 58 12.01 -1.45 24.79
C GLY A 58 10.93 -2.50 24.61
N PRO A 59 9.75 -2.05 24.16
CA PRO A 59 8.63 -2.97 23.95
C PRO A 59 8.83 -3.79 22.69
N GLY A 60 8.05 -4.83 22.53
CA GLY A 60 8.08 -5.62 21.33
C GLY A 60 9.30 -6.50 21.20
N MET A 61 9.40 -7.13 20.05
CA MET A 61 10.47 -8.07 19.78
C MET A 61 11.12 -7.68 18.47
N VAL A 62 12.32 -8.20 18.22
CA VAL A 62 13.07 -7.96 16.98
C VAL A 62 13.28 -9.30 16.28
N MET A 63 13.19 -9.32 14.95
CA MET A 63 13.42 -10.58 14.25
C MET A 63 14.89 -10.95 14.19
N LYS A 64 15.14 -12.24 14.39
CA LYS A 64 16.50 -12.76 14.55
C LYS A 64 17.33 -12.69 13.29
N PRO A 65 18.58 -12.19 13.42
CA PRO A 65 19.44 -12.11 12.23
C PRO A 65 19.87 -13.48 11.69
N THR A 66 20.05 -14.45 12.58
CA THR A 66 20.51 -15.77 12.13
C THR A 66 19.51 -16.45 11.18
N VAL A 67 18.22 -16.33 11.48
CA VAL A 67 17.19 -16.92 10.66
C VAL A 67 17.12 -16.22 9.30
N TRP A 68 17.04 -14.90 9.35
CA TRP A 68 16.95 -14.12 8.12
C TRP A 68 18.19 -14.28 7.26
N GLY A 69 19.36 -14.34 7.89
CA GLY A 69 20.60 -14.51 7.16
C GLY A 69 20.60 -15.79 6.35
N ASP A 70 20.13 -16.88 6.96
CA ASP A 70 20.07 -18.15 6.24
C ASP A 70 19.08 -18.10 5.09
N ALA A 71 17.90 -17.49 5.32
CA ALA A 71 16.88 -17.39 4.28
C ALA A 71 17.41 -16.64 3.06
N LEU A 72 17.99 -15.47 3.32
CA LEU A 72 18.47 -14.63 2.22
C LEU A 72 19.68 -15.23 1.52
N ASP A 73 20.53 -15.92 2.27
CA ASP A 73 21.66 -16.65 1.67
C ASP A 73 21.15 -17.62 0.61
N GLU A 74 20.05 -18.31 0.91
CA GLU A 74 19.56 -19.33 0.00
C GLU A 74 18.82 -18.75 -1.20
N ILE A 75 18.04 -17.70 -0.96
CA ILE A 75 17.13 -17.13 -1.96
CA ILE A 75 17.15 -17.15 -1.98
C ILE A 75 17.80 -16.11 -2.88
N CYS A 76 18.68 -15.30 -2.31
CA CYS A 76 19.28 -14.20 -3.06
C CYS A 76 20.49 -14.62 -3.88
N THR A 77 20.72 -13.89 -4.96
CA THR A 77 21.95 -14.04 -5.71
C THR A 77 22.57 -12.66 -5.87
N SER A 78 23.66 -12.60 -6.63
CA SER A 78 24.32 -11.32 -6.83
C SER A 78 23.46 -10.35 -7.65
N GLU A 79 22.51 -10.88 -8.43
CA GLU A 79 21.67 -10.03 -9.26
C GLU A 79 20.45 -9.49 -8.50
N THR A 80 20.25 -9.96 -7.27
CA THR A 80 19.04 -9.65 -6.52
C THR A 80 18.95 -8.21 -6.06
N LEU A 81 17.77 -7.63 -6.21
CA LEU A 81 17.43 -6.40 -5.51
C LEU A 81 16.62 -6.79 -4.28
N LEU A 82 17.20 -6.58 -3.11
CA LEU A 82 16.55 -6.95 -1.84
C LEU A 82 15.72 -5.77 -1.36
N VAL A 83 14.41 -5.97 -1.31
CA VAL A 83 13.46 -4.95 -0.88
C VAL A 83 13.00 -5.26 0.54
N VAL A 84 13.17 -4.28 1.44
CA VAL A 84 12.80 -4.44 2.84
C VAL A 84 11.80 -3.36 3.25
N PRO A 85 10.51 -3.71 3.27
CA PRO A 85 9.52 -2.73 3.75
C PRO A 85 9.78 -2.35 5.21
N THR A 86 9.67 -1.06 5.49
CA THR A 86 9.82 -0.57 6.86
C THR A 86 9.25 0.83 6.93
N PRO A 87 8.60 1.16 8.05
CA PRO A 87 8.05 2.52 8.19
C PRO A 87 9.17 3.56 8.21
N ALA A 88 10.40 3.13 8.47
CA ALA A 88 11.56 4.03 8.47
C ALA A 88 12.31 4.03 7.13
N GLY A 89 11.69 3.54 6.07
CA GLY A 89 12.37 3.48 4.78
C GLY A 89 12.38 4.76 3.97
N TYR A 90 13.20 4.78 2.92
CA TYR A 90 13.06 5.77 1.87
C TYR A 90 11.65 5.65 1.24
N PRO A 91 11.10 6.74 0.72
CA PRO A 91 9.75 6.62 0.15
C PRO A 91 9.72 5.75 -1.10
N PHE A 92 8.77 4.82 -1.14
CA PHE A 92 8.47 4.09 -2.37
C PHE A 92 7.50 4.93 -3.20
N THR A 93 7.92 5.32 -4.40
CA THR A 93 7.10 6.17 -5.27
C THR A 93 6.98 5.56 -6.64
N GLN A 94 6.20 6.21 -7.50
CA GLN A 94 6.06 5.72 -8.86
C GLN A 94 7.40 5.67 -9.59
N GLU A 95 8.32 6.58 -9.28
CA GLU A 95 9.66 6.54 -9.86
C GLU A 95 10.36 5.26 -9.46
N THR A 96 10.21 4.88 -8.21
CA THR A 96 10.77 3.63 -7.69
C THR A 96 10.18 2.46 -8.47
N ALA A 97 8.86 2.47 -8.61
CA ALA A 97 8.16 1.37 -9.28
C ALA A 97 8.68 1.21 -10.71
N TRP A 98 8.83 2.32 -11.43
CA TRP A 98 9.38 2.26 -12.78
C TRP A 98 10.80 1.67 -12.81
N GLN A 99 11.72 2.16 -11.95
CA GLN A 99 13.06 1.55 -11.79
C GLN A 99 13.01 0.02 -11.59
N TRP A 100 12.19 -0.38 -10.66
CA TRP A 100 12.25 -1.78 -10.23
C TRP A 100 11.59 -2.67 -11.27
N SER A 101 10.76 -2.09 -12.14
CA SER A 101 10.04 -2.90 -13.13
C SER A 101 10.97 -3.55 -14.17
N THR A 102 12.20 -3.05 -14.27
CA THR A 102 13.17 -3.62 -15.21
C THR A 102 14.13 -4.61 -14.54
N GLU A 103 13.95 -4.86 -13.24
CA GLU A 103 14.80 -5.82 -12.54
C GLU A 103 14.50 -7.26 -12.92
N ASP A 104 15.48 -8.15 -12.80
CA ASP A 104 15.24 -9.55 -13.08
C ASP A 104 14.81 -10.34 -11.83
N HIS A 105 15.21 -9.87 -10.65
CA HIS A 105 14.94 -10.61 -9.43
C HIS A 105 14.75 -9.68 -8.24
N LEU A 106 13.53 -9.63 -7.71
CA LEU A 106 13.25 -8.94 -6.47
C LEU A 106 13.03 -9.95 -5.36
N VAL A 107 13.63 -9.70 -4.20
CA VAL A 107 13.34 -10.47 -3.01
C VAL A 107 12.79 -9.51 -1.99
N ILE A 108 11.58 -9.79 -1.51
CA ILE A 108 10.94 -8.89 -0.54
C ILE A 108 10.94 -9.54 0.83
N ALA A 109 11.66 -8.92 1.77
CA ALA A 109 11.79 -9.45 3.12
C ALA A 109 10.77 -8.77 4.03
N CYS A 110 9.72 -9.52 4.37
CA CYS A 110 8.64 -8.98 5.18
C CYS A 110 8.88 -9.16 6.67
N GLY A 111 9.04 -8.05 7.38
CA GLY A 111 9.18 -8.14 8.81
C GLY A 111 7.86 -8.15 9.57
N ARG A 112 7.97 -8.43 10.86
CA ARG A 112 6.87 -8.36 11.81
C ARG A 112 7.45 -7.87 13.13
N TYR A 113 6.64 -7.83 14.17
CA TYR A 113 7.09 -7.33 15.48
C TYR A 113 7.68 -5.93 15.31
N GLU A 114 8.85 -5.67 15.88
CA GLU A 114 9.48 -4.36 15.73
C GLU A 114 10.49 -4.31 14.59
N GLY A 115 10.41 -5.27 13.68
CA GLY A 115 11.23 -5.27 12.48
C GLY A 115 12.40 -6.23 12.56
N ILE A 116 13.33 -6.12 11.61
CA ILE A 116 14.43 -7.08 11.46
C ILE A 116 15.73 -6.49 11.98
N ASP A 117 16.49 -7.29 12.74
CA ASP A 117 17.84 -6.87 13.19
C ASP A 117 18.58 -6.19 12.05
N GLN A 118 19.10 -4.99 12.30
CA GLN A 118 19.63 -4.16 11.21
C GLN A 118 20.82 -4.83 10.51
N ARG A 119 21.49 -5.77 11.17
CA ARG A 119 22.67 -6.38 10.58
C ARG A 119 22.32 -7.23 9.37
N VAL A 120 21.06 -7.66 9.27
CA VAL A 120 20.66 -8.45 8.12
C VAL A 120 20.81 -7.64 6.83
N ALA A 121 20.21 -6.45 6.81
CA ALA A 121 20.30 -5.56 5.65
C ALA A 121 21.76 -5.10 5.43
N ASP A 122 22.45 -4.76 6.53
CA ASP A 122 23.83 -4.27 6.42
C ASP A 122 24.73 -5.34 5.81
N ASP A 123 24.60 -6.58 6.28
CA ASP A 123 25.37 -7.68 5.72
C ASP A 123 24.98 -7.91 4.24
N ALA A 124 23.68 -7.96 3.96
CA ALA A 124 23.22 -8.20 2.61
C ALA A 124 23.77 -7.16 1.63
N ALA A 125 23.83 -5.92 2.09
CA ALA A 125 24.27 -4.81 1.26
C ALA A 125 25.73 -4.95 0.81
N THR A 126 26.50 -5.79 1.46
CA THR A 126 27.90 -5.98 1.05
C THR A 126 28.04 -6.91 -0.16
N ARG A 127 26.95 -7.54 -0.61
CA ARG A 127 27.06 -8.38 -1.80
C ARG A 127 25.84 -8.31 -2.74
N MET A 128 24.84 -7.51 -2.40
CA MET A 128 23.73 -7.23 -3.31
C MET A 128 23.20 -5.82 -3.07
N ARG A 129 22.26 -5.37 -3.89
CA ARG A 129 21.63 -4.07 -3.68
C ARG A 129 20.46 -4.23 -2.74
N VAL A 130 20.38 -3.35 -1.75
CA VAL A 130 19.34 -3.41 -0.73
C VAL A 130 18.57 -2.10 -0.70
N ARG A 131 17.25 -2.20 -0.58
CA ARG A 131 16.41 -1.01 -0.59
C ARG A 131 15.39 -1.07 0.55
N GLU A 132 15.63 -0.29 1.59
CA GLU A 132 14.68 -0.16 2.68
C GLU A 132 13.68 0.93 2.29
N VAL A 133 12.40 0.56 2.14
CA VAL A 133 11.42 1.52 1.64
C VAL A 133 10.13 1.48 2.43
N SER A 134 9.42 2.62 2.43
CA SER A 134 8.11 2.75 3.07
C SER A 134 7.05 3.12 2.02
N ILE A 135 5.88 2.49 2.08
CA ILE A 135 4.81 2.82 1.13
C ILE A 135 3.90 3.97 1.56
N GLY A 136 4.13 4.54 2.75
CA GLY A 136 3.31 5.68 3.18
C GLY A 136 3.50 6.04 4.64
N ASP A 137 2.95 7.18 5.04
CA ASP A 137 3.17 7.69 6.39
C ASP A 137 2.10 7.23 7.36
N TYR A 138 2.05 5.92 7.57
CA TYR A 138 1.15 5.28 8.52
C TYR A 138 1.88 4.04 8.96
N VAL A 139 1.41 3.43 10.04
CA VAL A 139 2.07 2.25 10.59
C VAL A 139 1.21 1.01 10.40
N LEU A 140 1.85 -0.04 9.87
CA LEU A 140 1.23 -1.36 9.70
C LEU A 140 1.74 -2.32 10.75
N ASN A 141 1.21 -3.54 10.77
CA ASN A 141 1.67 -4.58 11.71
C ASN A 141 2.93 -5.30 11.22
N GLY A 142 3.19 -5.21 9.92
CA GLY A 142 4.30 -5.90 9.33
C GLY A 142 4.39 -5.56 7.86
N GLY A 143 5.34 -6.18 7.18
CA GLY A 143 5.63 -5.81 5.79
C GLY A 143 4.76 -6.41 4.70
N GLU A 144 3.90 -7.36 5.05
CA GLU A 144 3.13 -8.08 4.02
C GLU A 144 2.19 -7.19 3.17
N ALA A 145 1.43 -6.31 3.80
CA ALA A 145 0.56 -5.41 3.04
C ALA A 145 1.40 -4.49 2.14
N ALA A 146 2.56 -4.09 2.64
CA ALA A 146 3.45 -3.26 1.84
C ALA A 146 3.99 -4.04 0.64
N ALA A 147 4.27 -5.32 0.84
CA ALA A 147 4.71 -6.18 -0.23
C ALA A 147 3.64 -6.29 -1.31
N LEU A 148 2.37 -6.40 -0.89
CA LEU A 148 1.27 -6.47 -1.86
C LEU A 148 1.22 -5.22 -2.72
N VAL A 149 1.35 -4.07 -2.08
CA VAL A 149 1.33 -2.80 -2.79
C VAL A 149 2.51 -2.68 -3.75
N ILE A 150 3.71 -3.00 -3.27
CA ILE A 150 4.90 -2.91 -4.11
C ILE A 150 4.82 -3.84 -5.31
N ILE A 151 4.38 -5.08 -5.09
CA ILE A 151 4.27 -6.06 -6.17
C ILE A 151 3.29 -5.57 -7.23
N GLU A 152 2.15 -5.04 -6.79
CA GLU A 152 1.17 -4.57 -7.75
C GLU A 152 1.68 -3.33 -8.52
N ALA A 153 2.26 -2.36 -7.82
CA ALA A 153 2.74 -1.14 -8.49
C ALA A 153 3.87 -1.41 -9.47
N VAL A 154 4.73 -2.38 -9.16
CA VAL A 154 5.83 -2.75 -10.05
C VAL A 154 5.34 -3.60 -11.23
N LEU A 155 4.61 -4.68 -10.94
CA LEU A 155 4.26 -5.61 -12.01
C LEU A 155 3.30 -5.01 -13.03
N ARG A 156 2.51 -4.02 -12.65
CA ARG A 156 1.60 -3.43 -13.63
C ARG A 156 2.35 -2.60 -14.68
N LEU A 157 3.64 -2.34 -14.43
CA LEU A 157 4.49 -1.60 -15.35
C LEU A 157 5.30 -2.53 -16.25
N VAL A 158 5.24 -3.83 -15.99
CA VAL A 158 5.91 -4.81 -16.84
C VAL A 158 4.92 -5.27 -17.91
N PRO A 159 5.26 -5.05 -19.18
CA PRO A 159 4.32 -5.28 -20.29
C PRO A 159 3.66 -6.66 -20.26
N GLY A 160 2.32 -6.66 -20.23
CA GLY A 160 1.55 -7.88 -20.32
C GLY A 160 1.52 -8.77 -19.09
N VAL A 161 1.90 -8.24 -17.94
CA VAL A 161 1.94 -9.08 -16.76
C VAL A 161 0.62 -9.14 -15.99
N LEU A 162 0.05 -7.99 -15.65
CA LEU A 162 -1.17 -8.00 -14.85
C LEU A 162 -2.44 -7.87 -15.70
N GLY A 163 -2.27 -7.60 -16.99
CA GLY A 163 -3.40 -7.53 -17.89
C GLY A 163 -3.89 -6.12 -18.14
N ASN A 164 -3.30 -5.16 -17.42
CA ASN A 164 -3.64 -3.76 -17.59
C ASN A 164 -2.83 -3.11 -18.70
N ALA A 165 -3.29 -1.95 -19.18
CA ALA A 165 -2.58 -1.22 -20.22
C ALA A 165 -2.61 0.28 -19.96
N SER A 179 4.01 16.59 -11.40
CA SER A 179 2.78 16.38 -12.15
C SER A 179 1.57 16.80 -11.32
N LEU A 180 0.38 16.61 -11.89
CA LEU A 180 -0.86 16.97 -11.22
C LEU A 180 -1.69 15.72 -10.92
N LEU A 181 -2.67 15.85 -10.04
CA LEU A 181 -3.62 14.78 -9.76
C LEU A 181 -4.57 14.59 -10.94
N GLU A 182 -5.02 13.36 -11.15
CA GLU A 182 -6.00 13.10 -12.19
C GLU A 182 -7.35 13.69 -11.79
N GLY A 183 -8.11 14.17 -12.77
CA GLY A 183 -9.42 14.72 -12.49
C GLY A 183 -10.51 13.66 -12.47
N PRO A 184 -11.77 14.09 -12.36
CA PRO A 184 -12.91 13.18 -12.28
C PRO A 184 -13.23 12.46 -13.59
N SER A 185 -13.81 11.27 -13.49
CA SER A 185 -14.25 10.54 -14.68
CA SER A 185 -14.26 10.55 -14.68
C SER A 185 -15.76 10.33 -14.63
N TYR A 186 -16.38 10.21 -15.80
CA TYR A 186 -17.82 10.06 -15.93
C TYR A 186 -18.19 9.06 -17.02
N THR A 187 -19.31 8.38 -16.83
CA THR A 187 -19.87 7.56 -17.91
C THR A 187 -21.40 7.64 -17.89
N ARG A 188 -22.08 6.84 -18.70
CA ARG A 188 -23.55 6.83 -18.72
C ARG A 188 -24.18 6.43 -17.36
N PRO A 189 -25.37 6.96 -17.05
CA PRO A 189 -26.20 7.86 -17.87
C PRO A 189 -25.78 9.32 -17.76
N PRO A 190 -26.21 10.16 -18.70
CA PRO A 190 -25.77 11.56 -18.68
C PRO A 190 -26.33 12.31 -17.47
N SER A 191 -27.45 11.83 -16.93
CA SER A 191 -28.02 12.39 -15.70
CA SER A 191 -28.05 12.39 -15.71
C SER A 191 -28.34 11.27 -14.73
N TRP A 192 -27.90 11.44 -13.48
CA TRP A 192 -28.07 10.41 -12.46
C TRP A 192 -28.24 11.07 -11.10
N ARG A 193 -29.35 10.75 -10.43
CA ARG A 193 -29.71 11.36 -9.15
C ARG A 193 -29.53 12.88 -9.14
N GLY A 194 -29.98 13.52 -10.21
CA GLY A 194 -29.97 14.97 -10.25
C GLY A 194 -28.62 15.54 -10.60
N MET A 195 -27.66 14.69 -10.92
CA MET A 195 -26.32 15.16 -11.26
C MET A 195 -26.00 14.87 -12.72
N ASP A 196 -25.70 15.93 -13.47
CA ASP A 196 -25.37 15.81 -14.88
C ASP A 196 -23.86 15.68 -15.11
N VAL A 197 -23.49 14.85 -16.09
CA VAL A 197 -22.11 14.84 -16.56
C VAL A 197 -21.82 16.24 -17.08
N PRO A 198 -20.64 16.80 -16.78
CA PRO A 198 -20.30 18.13 -17.28
C PRO A 198 -20.48 18.23 -18.79
N PRO A 199 -21.32 19.18 -19.25
CA PRO A 199 -21.70 19.25 -20.65
C PRO A 199 -20.50 19.37 -21.58
N VAL A 200 -19.40 19.98 -21.12
CA VAL A 200 -18.23 20.12 -21.96
C VAL A 200 -17.77 18.76 -22.48
N LEU A 201 -17.95 17.70 -21.68
CA LEU A 201 -17.46 16.39 -22.07
C LEU A 201 -18.26 15.80 -23.24
N LEU A 202 -19.47 16.30 -23.44
CA LEU A 202 -20.29 15.81 -24.55
C LEU A 202 -20.29 16.80 -25.73
N SER A 203 -19.39 17.78 -25.70
CA SER A 203 -19.44 18.89 -26.66
C SER A 203 -18.78 18.61 -28.00
N GLY A 204 -17.91 17.60 -28.05
CA GLY A 204 -17.13 17.37 -29.25
C GLY A 204 -16.06 18.42 -29.50
N ASP A 205 -15.79 19.27 -28.52
CA ASP A 205 -14.72 20.28 -28.64
C ASP A 205 -13.54 19.74 -27.86
N HIS A 206 -12.71 18.98 -28.54
CA HIS A 206 -11.72 18.20 -27.82
C HIS A 206 -10.59 19.04 -27.25
N ALA A 207 -10.27 20.17 -27.87
CA ALA A 207 -9.29 21.08 -27.27
C ALA A 207 -9.86 21.69 -25.99
N LYS A 208 -11.15 22.04 -26.01
CA LYS A 208 -11.79 22.61 -24.83
C LYS A 208 -11.87 21.60 -23.70
N ILE A 209 -12.21 20.36 -24.05
CA ILE A 209 -12.26 19.28 -23.06
C ILE A 209 -10.89 19.10 -22.38
N ALA A 210 -9.83 19.11 -23.18
CA ALA A 210 -8.49 18.97 -22.62
C ALA A 210 -8.18 20.11 -21.65
N ALA A 211 -8.59 21.34 -21.99
CA ALA A 211 -8.36 22.48 -21.12
C ALA A 211 -9.18 22.37 -19.83
N TRP A 212 -10.42 21.88 -19.96
CA TRP A 212 -11.29 21.70 -18.80
C TRP A 212 -10.69 20.68 -17.85
N ARG A 213 -10.20 19.57 -18.41
CA ARG A 213 -9.58 18.54 -17.61
C ARG A 213 -8.33 19.04 -16.91
N ALA A 214 -7.54 19.84 -17.60
CA ALA A 214 -6.35 20.44 -16.99
C ALA A 214 -6.73 21.29 -15.79
N GLU A 215 -7.79 22.07 -15.91
CA GLU A 215 -8.23 22.93 -14.81
C GLU A 215 -8.80 22.12 -13.65
N GLN A 216 -9.54 21.05 -13.93
CA GLN A 216 -10.00 20.16 -12.86
C GLN A 216 -8.81 19.58 -12.09
N SER A 217 -7.80 19.15 -12.84
CA SER A 217 -6.57 18.62 -12.28
CA SER A 217 -6.59 18.60 -12.23
C SER A 217 -5.87 19.65 -11.38
N ARG A 218 -5.74 20.88 -11.89
CA ARG A 218 -5.13 21.94 -11.11
C ARG A 218 -5.88 22.19 -9.81
N GLN A 219 -7.20 22.28 -9.88
CA GLN A 219 -7.99 22.58 -8.69
C GLN A 219 -7.88 21.46 -7.67
N ARG A 220 -7.97 20.23 -8.16
CA ARG A 220 -7.90 19.09 -7.27
C ARG A 220 -6.53 19.04 -6.58
N THR A 221 -5.48 19.37 -7.31
CA THR A 221 -4.13 19.32 -6.76
C THR A 221 -3.98 20.38 -5.67
N ILE A 222 -4.49 21.60 -5.93
CA ILE A 222 -4.44 22.67 -4.93
C ILE A 222 -5.16 22.28 -3.64
N GLU A 223 -6.35 21.72 -3.81
CA GLU A 223 -7.20 21.30 -2.70
C GLU A 223 -6.62 20.14 -1.89
N ARG A 224 -6.11 19.13 -2.57
CA ARG A 224 -5.76 17.88 -1.91
C ARG A 224 -4.27 17.67 -1.69
N ARG A 225 -3.45 18.22 -2.58
CA ARG A 225 -2.00 17.99 -2.54
C ARG A 225 -1.23 19.25 -2.91
N PRO A 226 -1.39 20.33 -2.13
CA PRO A 226 -0.71 21.58 -2.51
C PRO A 226 0.81 21.43 -2.49
N ASP A 227 1.31 20.41 -1.80
CA ASP A 227 2.74 20.13 -1.76
C ASP A 227 3.31 19.91 -3.17
N LEU A 228 2.48 19.43 -4.09
CA LEU A 228 2.92 19.19 -5.46
C LEU A 228 3.03 20.49 -6.25
N LEU A 229 2.70 21.61 -5.61
CA LEU A 229 2.78 22.92 -6.25
C LEU A 229 3.60 23.89 -5.42
N SER B 2 -15.61 -1.16 19.18
CA SER B 2 -16.55 -1.81 18.26
C SER B 2 -16.61 -1.09 16.91
N MET B 3 -16.26 -1.82 15.85
CA MET B 3 -16.30 -1.26 14.50
C MET B 3 -16.73 -2.31 13.48
N LYS B 4 -17.53 -1.89 12.50
CA LYS B 4 -17.88 -2.71 11.36
C LYS B 4 -17.23 -2.11 10.11
N ILE B 5 -16.55 -2.95 9.32
CA ILE B 5 -16.03 -2.52 8.04
C ILE B 5 -16.67 -3.34 6.92
N ASP B 6 -17.30 -2.66 5.97
CA ASP B 6 -17.80 -3.28 4.75
C ASP B 6 -16.90 -2.88 3.56
N VAL B 7 -16.41 -3.86 2.81
CA VAL B 7 -15.60 -3.58 1.62
C VAL B 7 -16.38 -4.03 0.38
N VAL B 8 -16.50 -3.15 -0.62
CA VAL B 8 -17.20 -3.48 -1.87
C VAL B 8 -16.19 -3.48 -3.00
N THR B 9 -16.21 -4.53 -3.82
CA THR B 9 -15.16 -4.78 -4.79
C THR B 9 -15.65 -5.75 -5.87
N ILE B 10 -15.08 -5.68 -7.06
CA ILE B 10 -15.38 -6.74 -8.03
C ILE B 10 -14.40 -7.91 -7.91
N PHE B 11 -13.46 -7.80 -6.97
CA PHE B 11 -12.52 -8.89 -6.70
C PHE B 11 -12.50 -9.25 -5.22
N PRO B 12 -13.62 -9.79 -4.72
CA PRO B 12 -13.68 -10.14 -3.29
C PRO B 12 -12.57 -11.10 -2.86
N GLU B 13 -12.10 -11.96 -3.77
CA GLU B 13 -11.01 -12.88 -3.50
C GLU B 13 -9.75 -12.18 -2.98
N TYR B 14 -9.47 -10.97 -3.45
CA TYR B 14 -8.27 -10.25 -3.04
C TYR B 14 -8.32 -9.76 -1.60
N LEU B 15 -9.47 -9.84 -0.94
CA LEU B 15 -9.60 -9.28 0.42
C LEU B 15 -9.44 -10.36 1.50
N GLN B 16 -9.21 -11.59 1.07
CA GLN B 16 -8.96 -12.71 1.99
C GLN B 16 -7.85 -12.52 3.04
N PRO B 17 -6.76 -11.77 2.73
CA PRO B 17 -5.74 -11.62 3.80
C PRO B 17 -6.20 -10.83 5.03
N VAL B 18 -7.38 -10.20 4.96
CA VAL B 18 -7.90 -9.45 6.09
C VAL B 18 -8.23 -10.36 7.28
N LEU B 31 -14.82 -7.38 18.75
CA LEU B 31 -14.82 -5.93 18.78
C LEU B 31 -14.76 -5.34 17.37
N VAL B 32 -14.64 -6.20 16.37
CA VAL B 32 -14.56 -5.75 14.98
C VAL B 32 -14.96 -6.83 13.98
N ASP B 33 -15.77 -6.44 13.00
CA ASP B 33 -16.19 -7.34 11.93
C ASP B 33 -15.90 -6.74 10.56
N VAL B 34 -15.38 -7.55 9.66
CA VAL B 34 -15.10 -7.09 8.29
C VAL B 34 -15.87 -7.97 7.30
N ALA B 35 -16.71 -7.33 6.49
CA ALA B 35 -17.52 -8.03 5.50
C ALA B 35 -17.12 -7.58 4.11
N VAL B 36 -16.99 -8.53 3.19
CA VAL B 36 -16.61 -8.23 1.82
C VAL B 36 -17.76 -8.54 0.86
N HIS B 37 -18.09 -7.56 0.03
CA HIS B 37 -19.22 -7.67 -0.89
C HIS B 37 -18.81 -7.57 -2.34
N ASP B 38 -19.31 -8.51 -3.13
CA ASP B 38 -19.12 -8.51 -4.57
C ASP B 38 -20.04 -7.49 -5.22
N LEU B 39 -19.47 -6.45 -5.80
CA LEU B 39 -20.27 -5.40 -6.43
C LEU B 39 -21.26 -5.93 -7.46
N ARG B 40 -20.93 -7.04 -8.11
CA ARG B 40 -21.77 -7.57 -9.19
C ARG B 40 -23.10 -8.09 -8.69
N ARG B 41 -23.23 -8.22 -7.37
CA ARG B 41 -24.50 -8.61 -6.75
C ARG B 41 -25.60 -7.58 -7.02
N TRP B 42 -25.20 -6.34 -7.29
CA TRP B 42 -26.18 -5.28 -7.50
C TRP B 42 -26.42 -4.98 -8.98
N THR B 43 -26.05 -5.92 -9.85
CA THR B 43 -26.38 -5.78 -11.28
C THR B 43 -27.63 -6.58 -11.62
N HIS B 44 -28.20 -6.34 -12.80
CA HIS B 44 -29.43 -7.01 -13.20
C HIS B 44 -29.35 -7.66 -14.59
N ASP B 45 -28.33 -7.27 -15.36
CA ASP B 45 -28.14 -7.85 -16.69
C ASP B 45 -27.36 -9.18 -16.60
N VAL B 46 -27.42 -9.95 -17.68
CA VAL B 46 -26.79 -11.27 -17.72
C VAL B 46 -25.27 -11.19 -17.64
N HIS B 47 -24.70 -10.19 -18.30
CA HIS B 47 -23.24 -10.04 -18.37
C HIS B 47 -22.70 -9.36 -17.11
N LYS B 48 -23.60 -9.00 -16.19
CA LYS B 48 -23.24 -8.35 -14.92
C LYS B 48 -22.30 -7.17 -15.12
N SER B 49 -22.67 -6.25 -16.02
CA SER B 49 -21.77 -5.16 -16.39
C SER B 49 -21.65 -4.09 -15.31
N VAL B 50 -20.42 -3.76 -14.93
CA VAL B 50 -20.23 -2.72 -13.94
C VAL B 50 -19.51 -1.52 -14.53
N ASP B 51 -19.13 -1.61 -15.80
CA ASP B 51 -18.28 -0.60 -16.42
C ASP B 51 -18.79 -0.14 -17.79
N ASP B 52 -18.38 1.06 -18.20
CA ASP B 52 -18.82 1.63 -19.47
C ASP B 52 -17.71 2.57 -19.93
N SER B 53 -17.70 2.94 -21.20
CA SER B 53 -16.65 3.81 -21.71
C SER B 53 -16.81 5.25 -21.22
N PRO B 54 -15.68 5.98 -21.12
CA PRO B 54 -15.78 7.32 -20.53
C PRO B 54 -16.46 8.35 -21.42
N TYR B 55 -17.10 9.32 -20.79
CA TYR B 55 -17.48 10.53 -21.49
C TYR B 55 -16.28 11.43 -21.68
N GLY B 56 -16.22 12.09 -22.85
CA GLY B 56 -15.19 13.08 -23.09
C GLY B 56 -13.89 12.51 -23.61
N GLY B 57 -13.83 11.19 -23.77
CA GLY B 57 -12.65 10.56 -24.33
C GLY B 57 -11.67 10.02 -23.30
N GLY B 58 -10.69 9.29 -23.80
CA GLY B 58 -9.66 8.74 -22.97
C GLY B 58 -9.67 7.24 -23.06
N PRO B 59 -8.60 6.61 -22.58
CA PRO B 59 -8.48 5.15 -22.58
C PRO B 59 -9.27 4.51 -21.45
N GLY B 60 -9.57 3.23 -21.58
CA GLY B 60 -10.11 2.48 -20.46
C GLY B 60 -11.60 2.61 -20.27
N MET B 61 -12.04 2.22 -19.08
CA MET B 61 -13.46 2.17 -18.76
C MET B 61 -13.68 2.82 -17.42
N VAL B 62 -14.91 3.25 -17.19
CA VAL B 62 -15.28 3.88 -15.93
C VAL B 62 -16.35 3.04 -15.25
N MET B 63 -16.30 2.88 -13.93
CA MET B 63 -17.37 2.12 -13.28
C MET B 63 -18.67 2.94 -13.22
N LYS B 64 -19.76 2.29 -13.64
CA LYS B 64 -21.10 2.89 -13.70
C LYS B 64 -21.58 3.39 -12.36
N PRO B 65 -22.18 4.60 -12.32
CA PRO B 65 -22.70 5.03 -11.02
C PRO B 65 -23.93 4.24 -10.55
N THR B 66 -24.71 3.71 -11.50
CA THR B 66 -25.97 3.07 -11.13
C THR B 66 -25.76 1.89 -10.19
N VAL B 67 -24.83 1.01 -10.54
CA VAL B 67 -24.58 -0.18 -9.74
C VAL B 67 -24.02 0.17 -8.36
N TRP B 68 -23.10 1.13 -8.33
CA TRP B 68 -22.53 1.62 -7.08
C TRP B 68 -23.60 2.25 -6.18
N GLY B 69 -24.46 3.06 -6.78
CA GLY B 69 -25.54 3.69 -6.04
C GLY B 69 -26.41 2.67 -5.35
N ASP B 70 -26.76 1.59 -6.06
CA ASP B 70 -27.59 0.56 -5.45
C ASP B 70 -26.87 -0.14 -4.32
N ALA B 71 -25.61 -0.51 -4.54
CA ALA B 71 -24.82 -1.16 -3.50
C ALA B 71 -24.69 -0.29 -2.24
N LEU B 72 -24.31 0.97 -2.41
CA LEU B 72 -24.07 1.82 -1.25
C LEU B 72 -25.38 2.13 -0.55
N ASP B 73 -26.47 2.22 -1.31
CA ASP B 73 -27.80 2.41 -0.72
C ASP B 73 -28.11 1.32 0.30
N GLU B 74 -27.74 0.09 -0.04
CA GLU B 74 -28.07 -1.05 0.82
C GLU B 74 -27.15 -1.14 2.04
N ILE B 75 -25.88 -0.81 1.84
CA ILE B 75 -24.84 -1.01 2.86
C ILE B 75 -24.67 0.19 3.80
N CYS B 76 -24.87 1.39 3.29
CA CYS B 76 -24.57 2.60 4.06
C CYS B 76 -25.76 3.17 4.82
N THR B 77 -25.45 3.87 5.92
CA THR B 77 -26.40 4.74 6.58
C THR B 77 -25.85 6.16 6.65
N SER B 78 -26.61 7.07 7.24
CA SER B 78 -26.18 8.47 7.34
C SER B 78 -24.98 8.61 8.28
N GLU B 79 -24.74 7.59 9.09
CA GLU B 79 -23.64 7.61 10.06
C GLU B 79 -22.37 6.98 9.51
N THR B 80 -22.48 6.37 8.34
CA THR B 80 -21.35 5.71 7.68
C THR B 80 -20.26 6.69 7.29
N LEU B 81 -19.01 6.29 7.49
CA LEU B 81 -17.89 6.97 6.85
C LEU B 81 -17.53 6.21 5.57
N LEU B 82 -17.85 6.80 4.42
CA LEU B 82 -17.54 6.18 3.13
C LEU B 82 -16.12 6.53 2.72
N VAL B 83 -15.29 5.50 2.55
CA VAL B 83 -13.88 5.65 2.19
C VAL B 83 -13.71 5.23 0.74
N VAL B 84 -13.14 6.09 -0.08
CA VAL B 84 -12.97 5.80 -1.51
C VAL B 84 -11.51 5.94 -1.88
N PRO B 85 -10.77 4.81 -1.92
CA PRO B 85 -9.39 4.88 -2.41
C PRO B 85 -9.29 5.45 -3.84
N THR B 86 -8.34 6.34 -4.07
CA THR B 86 -8.11 6.90 -5.41
C THR B 86 -6.73 7.52 -5.45
N PRO B 87 -6.03 7.42 -6.59
CA PRO B 87 -4.67 8.01 -6.61
C PRO B 87 -4.72 9.53 -6.50
N ALA B 88 -5.89 10.10 -6.76
CA ALA B 88 -6.06 11.56 -6.63
C ALA B 88 -6.65 11.96 -5.27
N GLY B 89 -6.61 11.08 -4.28
CA GLY B 89 -7.22 11.38 -3.01
C GLY B 89 -6.37 12.24 -2.09
N TYR B 90 -6.99 12.74 -1.02
CA TYR B 90 -6.25 13.34 0.08
C TYR B 90 -5.33 12.26 0.65
N PRO B 91 -4.14 12.63 1.15
CA PRO B 91 -3.28 11.57 1.70
C PRO B 91 -3.86 10.86 2.91
N PHE B 92 -3.82 9.53 2.88
CA PHE B 92 -4.11 8.73 4.06
C PHE B 92 -2.82 8.63 4.89
N THR B 93 -2.87 9.12 6.12
CA THR B 93 -1.70 9.14 7.01
C THR B 93 -2.05 8.55 8.38
N GLN B 94 -1.06 8.46 9.26
CA GLN B 94 -1.34 7.98 10.61
C GLN B 94 -2.38 8.83 11.33
N GLU B 95 -2.39 10.14 11.07
CA GLU B 95 -3.43 10.99 11.62
C GLU B 95 -4.81 10.50 11.18
N THR B 96 -4.95 10.16 9.89
CA THR B 96 -6.21 9.65 9.37
C THR B 96 -6.59 8.36 10.07
N ALA B 97 -5.60 7.50 10.28
CA ALA B 97 -5.85 6.22 10.92
C ALA B 97 -6.36 6.42 12.35
N TRP B 98 -5.73 7.32 13.09
CA TRP B 98 -6.22 7.64 14.43
C TRP B 98 -7.66 8.16 14.39
N GLN B 99 -7.96 9.04 13.44
CA GLN B 99 -9.31 9.60 13.32
C GLN B 99 -10.34 8.52 13.02
N TRP B 100 -10.02 7.61 12.13
CA TRP B 100 -11.00 6.60 11.72
C TRP B 100 -11.12 5.48 12.74
N SER B 101 -10.13 5.36 13.62
CA SER B 101 -10.11 4.28 14.62
C SER B 101 -11.27 4.35 15.62
N THR B 102 -11.95 5.48 15.73
CA THR B 102 -13.06 5.56 16.66
C THR B 102 -14.39 5.64 15.94
N GLU B 103 -14.38 5.26 14.66
CA GLU B 103 -15.61 5.21 13.86
C GLU B 103 -16.37 3.90 14.09
N ASP B 104 -17.70 3.98 14.01
CA ASP B 104 -18.56 2.82 14.17
C ASP B 104 -18.66 1.99 12.90
N HIS B 105 -18.61 2.66 11.75
CA HIS B 105 -18.89 2.03 10.48
C HIS B 105 -18.10 2.64 9.32
N LEU B 106 -17.15 1.90 8.81
CA LEU B 106 -16.44 2.28 7.58
C LEU B 106 -16.97 1.45 6.42
N VAL B 107 -17.24 2.10 5.29
CA VAL B 107 -17.49 1.36 4.06
C VAL B 107 -16.40 1.75 3.07
N ILE B 108 -15.66 0.76 2.55
CA ILE B 108 -14.61 1.06 1.59
C ILE B 108 -15.02 0.64 0.20
N ALA B 109 -15.19 1.63 -0.68
CA ALA B 109 -15.61 1.40 -2.06
C ALA B 109 -14.41 1.24 -2.97
N CYS B 110 -14.09 0.02 -3.37
CA CYS B 110 -12.90 -0.25 -4.19
C CYS B 110 -13.18 -0.17 -5.67
N GLY B 111 -12.53 0.76 -6.34
CA GLY B 111 -12.63 0.89 -7.78
C GLY B 111 -11.65 0.01 -8.54
N ARG B 112 -11.94 -0.13 -9.82
CA ARG B 112 -11.06 -0.79 -10.79
C ARG B 112 -11.15 0.00 -12.09
N TYR B 113 -10.53 -0.51 -13.15
CA TYR B 113 -10.55 0.17 -14.45
C TYR B 113 -9.96 1.58 -14.25
N GLU B 114 -10.58 2.60 -14.82
CA GLU B 114 -10.11 3.98 -14.63
C GLU B 114 -10.81 4.67 -13.45
N GLY B 115 -11.46 3.88 -12.61
CA GLY B 115 -12.07 4.40 -11.42
C GLY B 115 -13.59 4.49 -11.49
N ILE B 116 -14.17 5.11 -10.48
CA ILE B 116 -15.62 5.17 -10.31
C ILE B 116 -16.14 6.51 -10.77
N ASP B 117 -17.24 6.53 -11.51
CA ASP B 117 -17.93 7.76 -11.87
C ASP B 117 -17.99 8.71 -10.67
N GLN B 118 -17.53 9.95 -10.88
CA GLN B 118 -17.39 10.88 -9.76
C GLN B 118 -18.70 11.18 -9.03
N ARG B 119 -19.83 10.97 -9.71
CA ARG B 119 -21.10 11.27 -9.09
C ARG B 119 -21.44 10.33 -7.93
N VAL B 120 -20.83 9.14 -7.90
CA VAL B 120 -21.05 8.23 -6.80
C VAL B 120 -20.64 8.87 -5.47
N ALA B 121 -19.41 9.39 -5.41
CA ALA B 121 -18.94 10.03 -4.19
C ALA B 121 -19.71 11.34 -3.95
N ASP B 122 -19.96 12.10 -5.02
CA ASP B 122 -20.64 13.38 -4.88
C ASP B 122 -22.05 13.18 -4.33
N ASP B 123 -22.77 12.20 -4.86
CA ASP B 123 -24.12 11.89 -4.38
C ASP B 123 -24.10 11.37 -2.94
N ALA B 124 -23.16 10.47 -2.64
CA ALA B 124 -23.02 9.93 -1.29
C ALA B 124 -22.81 11.05 -0.28
N ALA B 125 -22.07 12.08 -0.68
CA ALA B 125 -21.70 13.15 0.24
C ALA B 125 -22.89 14.00 0.64
N THR B 126 -24.00 13.87 -0.11
CA THR B 126 -25.20 14.62 0.25
C THR B 126 -25.91 13.98 1.43
N ARG B 127 -25.54 12.76 1.81
CA ARG B 127 -26.20 12.18 2.99
C ARG B 127 -25.30 11.43 3.95
N MET B 128 -24.00 11.38 3.66
CA MET B 128 -23.05 10.83 4.62
C MET B 128 -21.69 11.49 4.44
N ARG B 129 -20.77 11.23 5.35
CA ARG B 129 -19.40 11.73 5.23
C ARG B 129 -18.63 10.85 4.24
N VAL B 130 -17.93 11.48 3.32
CA VAL B 130 -17.17 10.75 2.31
C VAL B 130 -15.72 11.21 2.33
N ARG B 131 -14.80 10.26 2.23
CA ARG B 131 -13.38 10.59 2.20
C ARG B 131 -12.68 9.90 1.03
N GLU B 132 -12.30 10.70 0.04
CA GLU B 132 -11.46 10.23 -1.06
CA GLU B 132 -11.48 10.19 -1.05
C GLU B 132 -10.00 10.31 -0.63
N VAL B 133 -9.32 9.17 -0.55
CA VAL B 133 -7.95 9.12 -0.02
C VAL B 133 -7.00 8.29 -0.87
N SER B 134 -5.72 8.65 -0.81
CA SER B 134 -4.63 7.90 -1.45
C SER B 134 -3.67 7.38 -0.41
N ILE B 135 -3.25 6.12 -0.54
CA ILE B 135 -2.29 5.55 0.41
C ILE B 135 -0.83 5.83 0.05
N GLY B 136 -0.57 6.48 -1.09
CA GLY B 136 0.81 6.77 -1.45
C GLY B 136 0.99 7.22 -2.88
N ASP B 137 2.18 7.71 -3.21
CA ASP B 137 2.41 8.33 -4.49
C ASP B 137 2.93 7.34 -5.50
N TYR B 138 2.07 6.38 -5.84
CA TYR B 138 2.33 5.34 -6.83
C TYR B 138 0.96 4.93 -7.35
N VAL B 139 0.93 4.21 -8.47
CA VAL B 139 -0.34 3.82 -9.09
C VAL B 139 -0.58 2.33 -8.97
N LEU B 140 -1.79 1.99 -8.54
CA LEU B 140 -2.23 0.61 -8.41
C LEU B 140 -3.23 0.32 -9.52
N ASN B 141 -3.62 -0.94 -9.68
CA ASN B 141 -4.66 -1.27 -10.66
C ASN B 141 -6.08 -1.11 -10.12
N GLY B 142 -6.21 -0.98 -8.80
CA GLY B 142 -7.50 -0.81 -8.19
C GLY B 142 -7.40 -0.53 -6.70
N GLY B 143 -8.54 -0.38 -6.05
CA GLY B 143 -8.58 0.03 -4.66
C GLY B 143 -8.36 -1.05 -3.61
N GLU B 144 -8.32 -2.31 -4.03
CA GLU B 144 -8.28 -3.43 -3.08
C GLU B 144 -7.04 -3.43 -2.19
N ALA B 145 -5.86 -3.21 -2.77
CA ALA B 145 -4.66 -3.21 -1.94
C ALA B 145 -4.70 -2.02 -0.97
N ALA B 146 -5.26 -0.90 -1.41
CA ALA B 146 -5.40 0.26 -0.53
C ALA B 146 -6.33 -0.05 0.61
N ALA B 147 -7.40 -0.78 0.32
CA ALA B 147 -8.34 -1.19 1.34
C ALA B 147 -7.64 -2.02 2.41
N LEU B 148 -6.78 -2.95 1.99
CA LEU B 148 -6.06 -3.81 2.93
C LEU B 148 -5.16 -2.98 3.83
N VAL B 149 -4.46 -2.01 3.24
CA VAL B 149 -3.57 -1.12 3.99
C VAL B 149 -4.34 -0.27 5.00
N ILE B 150 -5.43 0.34 4.55
CA ILE B 150 -6.26 1.16 5.42
C ILE B 150 -6.85 0.36 6.58
N ILE B 151 -7.39 -0.82 6.28
CA ILE B 151 -7.96 -1.67 7.32
C ILE B 151 -6.90 -2.05 8.35
N GLU B 152 -5.71 -2.41 7.89
CA GLU B 152 -4.66 -2.78 8.84
C GLU B 152 -4.23 -1.62 9.71
N ALA B 153 -4.03 -0.46 9.11
CA ALA B 153 -3.53 0.69 9.85
C ALA B 153 -4.59 1.18 10.85
N VAL B 154 -5.87 1.05 10.50
CA VAL B 154 -6.94 1.52 11.39
C VAL B 154 -7.21 0.51 12.52
N LEU B 155 -7.33 -0.77 12.17
CA LEU B 155 -7.77 -1.75 13.17
C LEU B 155 -6.78 -1.89 14.32
N ARG B 156 -5.50 -1.68 14.07
CA ARG B 156 -4.51 -1.84 15.13
C ARG B 156 -4.58 -0.69 16.14
N LEU B 157 -5.37 0.33 15.85
CA LEU B 157 -5.51 1.46 16.75
C LEU B 157 -6.82 1.44 17.52
N VAL B 158 -7.72 0.54 17.14
CA VAL B 158 -9.05 0.49 17.78
C VAL B 158 -8.87 0.11 19.24
N PRO B 159 -9.49 0.90 20.15
CA PRO B 159 -9.33 0.65 21.58
C PRO B 159 -9.61 -0.81 21.93
N GLY B 160 -8.67 -1.47 22.60
CA GLY B 160 -8.80 -2.88 22.91
C GLY B 160 -8.16 -3.81 21.89
N VAL B 161 -7.21 -3.28 21.12
CA VAL B 161 -6.50 -4.08 20.12
C VAL B 161 -5.03 -3.71 20.05
N SER B 179 6.30 12.42 11.99
CA SER B 179 7.18 12.94 13.03
C SER B 179 8.65 12.60 12.74
N LEU B 180 9.09 11.44 13.24
CA LEU B 180 10.46 10.98 13.05
C LEU B 180 10.47 9.53 12.60
N LEU B 181 11.56 9.10 12.00
CA LEU B 181 11.73 7.70 11.63
C LEU B 181 12.36 6.90 12.76
N GLU B 182 11.95 5.65 12.90
CA GLU B 182 12.54 4.75 13.89
C GLU B 182 13.98 4.40 13.51
N GLY B 183 14.87 4.35 14.49
CA GLY B 183 16.24 3.96 14.24
C GLY B 183 16.35 2.44 14.16
N PRO B 184 17.58 1.94 14.01
CA PRO B 184 17.81 0.50 13.87
C PRO B 184 17.59 -0.27 15.17
N SER B 185 17.19 -1.53 15.03
CA SER B 185 16.96 -2.44 16.16
CA SER B 185 17.01 -2.41 16.19
C SER B 185 17.89 -3.65 16.06
N TYR B 186 18.18 -4.26 17.19
CA TYR B 186 19.09 -5.39 17.27
C TYR B 186 18.64 -6.42 18.30
N THR B 187 19.01 -7.66 18.08
CA THR B 187 18.79 -8.70 19.08
C THR B 187 19.95 -9.71 19.04
N ARG B 188 19.87 -10.78 19.83
CA ARG B 188 21.01 -11.70 19.94
C ARG B 188 21.33 -12.45 18.64
N PRO B 189 22.60 -12.84 18.43
CA PRO B 189 23.81 -12.71 19.26
C PRO B 189 24.43 -11.33 19.17
N PRO B 190 25.25 -10.93 20.16
CA PRO B 190 25.86 -9.59 20.15
C PRO B 190 26.85 -9.40 19.00
N SER B 191 27.42 -10.50 18.51
CA SER B 191 28.27 -10.49 17.32
CA SER B 191 28.27 -10.49 17.34
C SER B 191 27.76 -11.51 16.32
N TRP B 192 27.56 -11.07 15.08
CA TRP B 192 27.06 -11.96 14.03
C TRP B 192 27.75 -11.68 12.70
N ARG B 193 28.41 -12.69 12.13
CA ARG B 193 29.18 -12.52 10.90
C ARG B 193 30.20 -11.39 10.99
N GLY B 194 30.75 -11.18 12.20
CA GLY B 194 31.75 -10.14 12.38
C GLY B 194 31.14 -8.75 12.48
N MET B 195 29.83 -8.70 12.64
CA MET B 195 29.12 -7.42 12.79
C MET B 195 28.55 -7.29 14.20
N ASP B 196 28.94 -6.23 14.90
CA ASP B 196 28.60 -6.08 16.32
C ASP B 196 27.36 -5.22 16.55
N VAL B 197 26.54 -5.61 17.52
CA VAL B 197 25.52 -4.69 18.04
C VAL B 197 26.25 -3.49 18.61
N PRO B 198 25.76 -2.26 18.31
CA PRO B 198 26.37 -1.05 18.87
C PRO B 198 26.55 -1.19 20.38
N PRO B 199 27.79 -1.00 20.86
CA PRO B 199 28.12 -1.25 22.26
C PRO B 199 27.23 -0.54 23.27
N VAL B 200 26.76 0.67 22.97
CA VAL B 200 25.92 1.41 23.92
C VAL B 200 24.66 0.61 24.27
N LEU B 201 24.16 -0.18 23.32
CA LEU B 201 22.94 -0.96 23.55
C LEU B 201 23.15 -2.11 24.51
N LEU B 202 24.41 -2.46 24.76
CA LEU B 202 24.77 -3.53 25.68
C LEU B 202 25.17 -2.98 27.05
N SER B 203 25.26 -1.67 27.16
CA SER B 203 25.88 -1.01 28.31
C SER B 203 24.94 -0.83 29.50
N GLY B 204 23.65 -1.09 29.29
CA GLY B 204 22.66 -0.92 30.34
C GLY B 204 22.46 0.51 30.83
N ASP B 205 23.05 1.48 30.14
CA ASP B 205 22.91 2.88 30.50
C ASP B 205 21.70 3.48 29.80
N HIS B 206 20.58 3.56 30.51
CA HIS B 206 19.31 3.99 29.92
C HIS B 206 19.39 5.35 29.27
N ALA B 207 20.09 6.27 29.92
CA ALA B 207 20.25 7.63 29.41
C ALA B 207 21.06 7.67 28.12
N LYS B 208 22.19 6.97 28.11
CA LYS B 208 23.04 6.90 26.93
C LYS B 208 22.32 6.18 25.79
N ILE B 209 21.56 5.14 26.11
CA ILE B 209 20.80 4.41 25.11
C ILE B 209 19.69 5.27 24.50
N ALA B 210 18.96 6.00 25.35
CA ALA B 210 17.90 6.86 24.86
C ALA B 210 18.48 7.94 23.95
N ALA B 211 19.63 8.49 24.35
CA ALA B 211 20.29 9.54 23.59
C ALA B 211 20.74 9.02 22.24
N TRP B 212 21.36 7.85 22.23
CA TRP B 212 21.83 7.23 21.01
C TRP B 212 20.67 6.94 20.05
N ARG B 213 19.57 6.43 20.60
CA ARG B 213 18.41 6.10 19.78
C ARG B 213 17.76 7.35 19.18
N ALA B 214 17.72 8.43 19.96
CA ALA B 214 17.16 9.69 19.45
C ALA B 214 18.03 10.22 18.31
N GLU B 215 19.34 10.09 18.47
CA GLU B 215 20.29 10.54 17.45
C GLU B 215 20.18 9.69 16.18
N GLN B 216 20.14 8.37 16.34
CA GLN B 216 19.97 7.48 15.21
C GLN B 216 18.69 7.80 14.44
N SER B 217 17.63 8.11 15.18
CA SER B 217 16.34 8.47 14.58
CA SER B 217 16.35 8.45 14.57
C SER B 217 16.46 9.74 13.76
N ARG B 218 17.04 10.78 14.37
CA ARG B 218 17.13 12.04 13.65
C ARG B 218 18.06 11.92 12.43
N GLN B 219 19.14 11.15 12.56
CA GLN B 219 20.03 10.93 11.41
C GLN B 219 19.35 10.16 10.27
N ARG B 220 18.58 9.15 10.61
CA ARG B 220 17.86 8.39 9.60
C ARG B 220 16.80 9.27 8.90
N THR B 221 16.16 10.14 9.69
CA THR B 221 15.14 11.00 9.13
C THR B 221 15.73 12.02 8.15
N ILE B 222 16.85 12.64 8.49
CA ILE B 222 17.41 13.63 7.59
C ILE B 222 17.92 12.96 6.31
N GLU B 223 18.41 11.72 6.41
CA GLU B 223 18.89 10.98 5.25
C GLU B 223 17.76 10.50 4.34
N ARG B 224 16.72 9.95 4.93
CA ARG B 224 15.68 9.26 4.16
C ARG B 224 14.41 10.06 3.94
N ARG B 225 14.08 10.93 4.89
CA ARG B 225 12.85 11.70 4.83
C ARG B 225 13.06 13.14 5.27
N PRO B 226 13.94 13.85 4.56
CA PRO B 226 14.27 15.22 4.98
C PRO B 226 13.02 16.11 5.03
N ASP B 227 11.99 15.75 4.25
CA ASP B 227 10.76 16.54 4.27
C ASP B 227 10.10 16.57 5.64
N LEU B 228 10.29 15.51 6.43
CA LEU B 228 9.68 15.43 7.76
C LEU B 228 10.25 16.46 8.71
N LEU B 229 11.49 16.89 8.45
CA LEU B 229 12.16 17.89 9.28
C LEU B 229 12.17 19.27 8.61
N GLY B 230 11.40 19.40 7.53
CA GLY B 230 11.26 20.68 6.86
C GLY B 230 12.37 21.03 5.88
N PHE B 231 13.00 20.03 5.26
CA PHE B 231 14.00 20.26 4.24
C PHE B 231 13.55 19.80 2.87
N ASP B 232 14.24 20.27 1.85
CA ASP B 232 13.95 19.88 0.47
C ASP B 232 14.11 18.38 0.27
N SER B 233 13.26 17.81 -0.57
CA SER B 233 13.39 16.41 -0.97
C SER B 233 14.44 16.29 -2.07
N PRO B 234 15.09 15.12 -2.19
CA PRO B 234 16.16 14.96 -3.17
C PRO B 234 15.70 15.12 -4.62
C10 JF8 C . 6.30 -3.08 9.99
C13 JF8 C . 7.68 -4.83 10.17
C15 JF8 C . 5.35 0.22 6.29
N01 JF8 C . 4.41 2.37 5.35
C02 JF8 C . 4.57 1.36 6.37
N03 JF8 C . 3.96 1.37 7.59
N04 JF8 C . 4.37 0.26 8.25
C05 JF8 C . 5.17 -0.47 7.49
C06 JF8 C . 5.85 -1.72 8.04
C07 JF8 C . 6.79 -2.46 7.29
C08 JF8 C . 7.45 -3.53 7.89
C09 JF8 C . 7.19 -3.83 9.26
N11 JF8 C . 6.23 -3.58 11.27
C12 JF8 C . 7.05 -4.63 11.38
C14 JF8 C . 5.62 -1.97 9.39
C16 JF8 C . 6.16 -0.12 5.06
N17 JF8 C . 6.74 -0.33 4.09
C10 JF8 D . -7.13 2.69 -8.77
C13 JF8 D . -9.33 2.33 -8.99
C15 JF8 D . -4.30 4.33 -4.93
N01 JF8 D . -2.20 5.24 -3.87
C02 JF8 D . -2.94 4.66 -4.96
N03 JF8 D . -2.46 4.34 -6.18
N04 JF8 D . -3.47 3.83 -6.91
C05 JF8 D . -4.58 3.76 -6.18
C06 JF8 D . -5.92 3.33 -6.77
C07 JF8 D . -7.12 3.38 -6.03
C08 JF8 D . -8.32 3.05 -6.67
C09 JF8 D . -8.31 2.71 -8.04
N11 JF8 D . -7.38 2.32 -10.07
C12 JF8 D . -8.71 2.11 -10.22
C14 JF8 D . -5.90 3.05 -8.12
C16 JF8 D . -5.14 4.52 -3.70
N17 JF8 D . -5.74 4.68 -2.73
#